data_4AH4
#
_entry.id   4AH4
#
_cell.length_a   46.420
_cell.length_b   47.440
_cell.length_c   80.086
_cell.angle_alpha   103.61
_cell.angle_beta   91.96
_cell.angle_gamma   113.08
#
_symmetry.space_group_name_H-M   'P 1'
#
loop_
_entity.id
_entity.type
_entity.pdbx_description
1 polymer 'FUCOSE-SPECIFIC LECTIN FLEA'
2 branched alpha-L-fucopyranose-(1-2)-[2-acetamido-2-deoxy-alpha-D-galactopyranose-(1-3)]beta-D-galactopyranose
3 non-polymer alpha-L-fucopyranose
4 non-polymer 'CHLORIDE ION'
5 water water
#
_entity_poly.entity_id   1
_entity_poly.type   'polypeptide(L)'
_entity_poly.pdbx_seq_one_letter_code
;MSTPGAQQVLFRTGIAAVNSTNHLRVYFQDVYGSIRESLYEGSWANGTEKNVIGNAKLGSPVAATSKELKHIRVYTLTEG
NTLQEFAYDSGTGWYNGGLGGAKFQVAPYSCIAAVFLAGTDALQLRIYAQKPDNTIQEYMWNGDGWKEGTNLGGALPGTG
IGATSFRYTDYNGPSIRIWFQTDDLKLVQRAYDPHKGWYPDLVTIFDRAPPRTAIAATSFGAGNSSIYMRIYFVNSDNTI
WQV(CSD)WDHGKGYHDKGTITPVIQGSEVAIISWGSFANNGPDLRLYFQNGTYISAVSEWVWNRAHGSQLGRSALPPA
;
_entity_poly.pdbx_strand_id   A,B
#
# COMPACT_ATOMS: atom_id res chain seq x y z
N SER A 2 14.23 -7.02 -11.36
CA SER A 2 14.28 -5.59 -10.96
C SER A 2 15.68 -4.98 -11.21
N THR A 3 15.94 -3.79 -10.65
CA THR A 3 17.24 -3.13 -10.73
C THR A 3 17.50 -2.49 -9.38
N PRO A 4 18.78 -2.25 -8.99
CA PRO A 4 18.95 -1.57 -7.71
C PRO A 4 18.22 -0.25 -7.68
N GLY A 5 18.21 0.43 -8.84
CA GLY A 5 17.47 1.66 -9.04
C GLY A 5 16.00 1.49 -8.71
N ALA A 6 15.33 0.58 -9.39
CA ALA A 6 13.89 0.42 -9.18
C ALA A 6 13.56 0.01 -7.76
N GLN A 7 14.43 -0.79 -7.17
CA GLN A 7 14.21 -1.25 -5.81
C GLN A 7 14.17 -0.13 -4.78
N GLN A 8 14.70 1.04 -5.14
CA GLN A 8 14.71 2.21 -4.27
C GLN A 8 13.36 2.91 -4.20
N VAL A 9 12.49 2.65 -5.18
CA VAL A 9 11.19 3.31 -5.30
C VAL A 9 10.17 2.60 -4.40
N LEU A 10 9.46 3.32 -3.55
CA LEU A 10 8.52 2.67 -2.65
C LEU A 10 7.35 2.05 -3.50
N PHE A 11 7.01 0.82 -3.20
CA PHE A 11 5.83 0.15 -3.76
C PHE A 11 4.56 0.90 -3.29
N ARG A 12 3.73 1.34 -4.25
CA ARG A 12 2.54 2.18 -4.00
C ARG A 12 2.89 3.58 -3.49
N THR A 13 4.09 4.06 -3.85
CA THR A 13 4.47 5.44 -3.65
C THR A 13 3.44 6.42 -4.13
N GLY A 14 3.22 7.45 -3.33
CA GLY A 14 2.67 8.72 -3.86
C GLY A 14 3.43 9.16 -5.11
N ILE A 15 2.69 9.61 -6.13
CA ILE A 15 3.29 10.16 -7.37
C ILE A 15 2.70 11.53 -7.71
N ALA A 16 3.58 12.49 -8.03
CA ALA A 16 3.19 13.79 -8.56
C ALA A 16 4.04 14.17 -9.76
N ALA A 17 3.51 15.08 -10.58
CA ALA A 17 4.20 15.60 -11.74
C ALA A 17 3.84 17.04 -12.07
N VAL A 18 4.82 17.76 -12.62
CA VAL A 18 4.65 19.11 -13.09
C VAL A 18 5.40 19.26 -14.42
N ASN A 19 5.07 20.30 -15.17
CA ASN A 19 5.67 20.51 -16.45
C ASN A 19 5.61 21.96 -16.94
N SER A 20 6.45 22.23 -17.93
CA SER A 20 6.26 23.37 -18.85
C SER A 20 6.35 22.74 -20.22
N THR A 21 5.24 22.69 -20.94
CA THR A 21 5.12 21.83 -22.11
C THR A 21 5.89 20.49 -21.88
N ASN A 22 6.87 20.13 -22.73
CA ASN A 22 7.53 18.82 -22.63
C ASN A 22 8.76 18.78 -21.76
N HIS A 23 8.87 19.74 -20.87
CA HIS A 23 9.90 19.76 -19.83
C HIS A 23 9.22 19.27 -18.57
N LEU A 24 9.59 18.08 -18.12
CA LEU A 24 8.83 17.32 -17.12
C LEU A 24 9.59 17.11 -15.83
N ARG A 25 8.87 17.13 -14.71
CA ARG A 25 9.40 16.73 -13.42
C ARG A 25 8.39 15.78 -12.76
N VAL A 26 8.92 14.70 -12.18
CA VAL A 26 8.09 13.67 -11.49
C VAL A 26 8.66 13.43 -10.12
N TYR A 27 7.79 13.46 -9.11
CA TYR A 27 8.10 13.25 -7.71
C TYR A 27 7.53 11.92 -7.17
N PHE A 28 8.33 11.27 -6.35
CA PHE A 28 7.97 9.99 -5.74
C PHE A 28 8.71 9.84 -4.43
N GLN A 29 8.28 8.84 -3.65
CA GLN A 29 8.92 8.54 -2.38
C GLN A 29 9.81 7.28 -2.52
N ASP A 30 11.02 7.35 -1.97
CA ASP A 30 11.90 6.19 -1.89
C ASP A 30 11.60 5.37 -0.64
N VAL A 31 12.23 4.20 -0.56
CA VAL A 31 11.97 3.26 0.48
C VAL A 31 12.38 3.77 1.86
N TYR A 32 13.23 4.78 1.92
CA TYR A 32 13.61 5.41 3.19
C TYR A 32 12.72 6.61 3.59
N GLY A 33 11.72 6.93 2.78
CA GLY A 33 10.82 8.05 3.09
C GLY A 33 11.18 9.36 2.44
N SER A 34 12.31 9.42 1.74
CA SER A 34 12.75 10.66 1.12
C SER A 34 11.96 10.92 -0.18
N ILE A 35 11.68 12.19 -0.47
CA ILE A 35 11.05 12.58 -1.71
C ILE A 35 12.12 12.94 -2.73
N ARG A 36 12.02 12.33 -3.92
CA ARG A 36 12.98 12.44 -5.01
C ARG A 36 12.32 13.02 -6.25
N GLU A 37 13.12 13.62 -7.12
CA GLU A 37 12.66 14.20 -8.36
C GLU A 37 13.40 13.57 -9.52
N SER A 38 12.61 13.06 -10.46
CA SER A 38 13.13 12.65 -11.76
C SER A 38 12.78 13.71 -12.75
N LEU A 39 13.54 13.79 -13.84
CA LEU A 39 13.42 14.86 -14.79
C LEU A 39 13.46 14.38 -16.26
N TYR A 40 12.69 15.05 -17.10
CA TYR A 40 12.78 14.89 -18.54
C TYR A 40 13.06 16.26 -19.21
N GLU A 41 14.26 16.36 -19.76
CA GLU A 41 14.73 17.49 -20.54
C GLU A 41 15.37 16.91 -21.81
N GLY A 42 14.56 16.56 -22.79
CA GLY A 42 15.04 15.83 -23.98
C GLY A 42 15.33 14.35 -23.78
N SER A 43 15.55 13.94 -22.53
CA SER A 43 15.74 12.55 -22.13
C SER A 43 15.56 12.48 -20.59
N TRP A 44 15.31 11.29 -20.05
CA TRP A 44 15.07 11.09 -18.61
C TRP A 44 16.31 11.05 -17.79
N ALA A 45 16.32 11.64 -16.59
CA ALA A 45 17.48 11.61 -15.70
C ALA A 45 17.06 11.70 -14.23
N ASN A 46 18.01 11.46 -13.35
CA ASN A 46 17.87 11.74 -11.95
C ASN A 46 17.06 10.69 -11.16
N GLY A 47 16.25 11.10 -10.20
CA GLY A 47 15.61 10.14 -9.35
C GLY A 47 16.55 9.42 -8.39
N THR A 48 17.77 9.94 -8.16
CA THR A 48 18.71 9.24 -7.29
C THR A 48 18.75 9.80 -5.87
N GLU A 49 19.64 9.25 -5.05
CA GLU A 49 19.78 9.69 -3.67
C GLU A 49 20.14 11.15 -3.65
N LYS A 50 20.78 11.63 -4.71
CA LYS A 50 21.20 13.02 -4.86
C LYS A 50 20.08 13.96 -5.26
N ASN A 51 18.94 13.43 -5.68
CA ASN A 51 17.85 14.26 -6.17
C ASN A 51 16.76 14.29 -5.10
N VAL A 52 17.18 14.26 -3.83
CA VAL A 52 16.26 14.33 -2.69
C VAL A 52 15.90 15.80 -2.45
N ILE A 53 14.62 16.08 -2.33
CA ILE A 53 14.13 17.43 -2.05
C ILE A 53 13.56 17.57 -0.64
N GLY A 54 13.48 16.47 0.11
CA GLY A 54 13.02 16.51 1.49
C GLY A 54 12.58 15.14 1.93
N ASN A 55 12.07 15.04 3.15
CA ASN A 55 11.58 13.78 3.72
C ASN A 55 10.17 13.92 4.18
N ALA A 56 9.46 12.79 4.17
CA ALA A 56 8.06 12.73 4.60
C ALA A 56 7.79 11.41 5.25
N LYS A 57 6.71 11.32 6.00
CA LYS A 57 6.23 10.05 6.51
C LYS A 57 6.17 8.98 5.43
N LEU A 58 6.62 7.78 5.80
CA LEU A 58 6.54 6.71 4.86
C LEU A 58 5.08 6.43 4.50
N GLY A 59 4.84 6.33 3.21
CA GLY A 59 3.48 6.15 2.74
C GLY A 59 2.72 7.45 2.51
N SER A 60 3.38 8.59 2.72
CA SER A 60 2.78 9.92 2.52
C SER A 60 2.14 10.11 1.16
N PRO A 61 1.05 10.90 1.11
CA PRO A 61 0.66 11.39 -0.23
C PRO A 61 1.73 12.26 -0.80
N VAL A 62 1.74 12.39 -2.13
CA VAL A 62 2.70 13.31 -2.79
C VAL A 62 1.90 14.06 -3.84
N ALA A 63 1.84 15.38 -3.67
CA ALA A 63 1.20 16.29 -4.58
C ALA A 63 2.15 17.39 -5.04
N ALA A 64 1.92 17.86 -6.25
CA ALA A 64 2.74 18.93 -6.77
C ALA A 64 1.99 19.80 -7.78
N THR A 65 2.37 21.05 -7.78
CA THR A 65 1.85 22.03 -8.72
C THR A 65 2.96 23.01 -9.11
N SER A 66 2.80 23.64 -10.28
CA SER A 66 3.82 24.56 -10.78
C SER A 66 3.25 25.74 -11.60
N LYS A 67 4.06 26.78 -11.71
CA LYS A 67 3.89 27.82 -12.71
C LYS A 67 5.02 27.60 -13.69
N GLU A 68 4.69 26.92 -14.78
CA GLU A 68 5.67 26.37 -15.71
C GLU A 68 6.76 25.66 -14.86
N LEU A 69 8.05 25.87 -15.12
CA LEU A 69 9.05 25.36 -14.18
C LEU A 69 9.82 26.48 -13.51
N LYS A 70 9.19 27.64 -13.42
CA LYS A 70 9.71 28.74 -12.65
C LYS A 70 9.44 28.58 -11.16
N HIS A 71 8.27 28.05 -10.82
CA HIS A 71 7.86 27.91 -9.43
C HIS A 71 7.26 26.56 -9.27
N ILE A 72 7.85 25.74 -8.40
CA ILE A 72 7.34 24.39 -8.14
C ILE A 72 7.10 24.21 -6.68
N ARG A 73 5.99 23.55 -6.38
CA ARG A 73 5.63 23.30 -4.96
C ARG A 73 5.22 21.85 -4.80
N VAL A 74 5.84 21.16 -3.84
CA VAL A 74 5.59 19.73 -3.57
C VAL A 74 5.06 19.55 -2.17
N TYR A 75 3.92 18.88 -2.06
CA TYR A 75 3.22 18.72 -0.80
C TYR A 75 3.18 17.27 -0.29
N THR A 76 3.41 17.12 1.00
CA THR A 76 3.49 15.80 1.65
C THR A 76 3.09 15.95 3.14
N LEU A 77 3.05 14.84 3.88
CA LEU A 77 2.81 14.86 5.33
C LEU A 77 4.06 14.62 6.09
N THR A 78 4.19 15.33 7.20
CA THR A 78 5.24 15.03 8.16
C THR A 78 4.87 13.77 8.94
N GLU A 79 5.83 13.28 9.71
CA GLU A 79 5.57 12.20 10.66
C GLU A 79 4.45 12.56 11.66
N GLY A 80 4.32 13.84 11.99
CA GLY A 80 3.26 14.36 12.90
C GLY A 80 1.91 14.60 12.23
N ASN A 81 1.79 14.24 10.95
CA ASN A 81 0.53 14.41 10.24
C ASN A 81 0.15 15.89 10.09
N THR A 82 1.17 16.71 9.88
CA THR A 82 0.95 18.08 9.42
C THR A 82 1.32 18.23 7.95
N LEU A 83 0.64 19.14 7.26
CA LEU A 83 0.96 19.47 5.87
C LEU A 83 2.30 20.16 5.81
N GLN A 84 3.09 19.81 4.82
CA GLN A 84 4.35 20.46 4.60
C GLN A 84 4.58 20.64 3.10
N GLU A 85 5.59 21.45 2.79
CA GLU A 85 5.86 21.95 1.45
C GLU A 85 7.34 22.08 1.15
N PHE A 86 7.74 21.54 0.02
CA PHE A 86 9.07 21.73 -0.52
C PHE A 86 8.91 22.66 -1.72
N ALA A 87 9.68 23.75 -1.70
CA ALA A 87 9.56 24.78 -2.73
C ALA A 87 10.83 25.00 -3.59
N TYR A 88 10.60 25.18 -4.90
CA TYR A 88 11.63 25.56 -5.86
C TYR A 88 11.23 26.88 -6.56
N ASP A 89 12.10 27.89 -6.50
CA ASP A 89 11.96 29.06 -7.40
C ASP A 89 13.20 29.19 -8.25
N SER A 90 13.02 29.40 -9.56
CA SER A 90 14.14 29.68 -10.47
CA SER A 90 14.15 29.65 -10.46
C SER A 90 15.08 30.68 -9.82
N GLY A 91 16.35 30.35 -9.77
CA GLY A 91 17.35 31.25 -9.19
C GLY A 91 17.63 31.05 -7.71
N THR A 92 16.71 30.39 -7.00
CA THR A 92 16.86 30.08 -5.59
C THR A 92 17.12 28.59 -5.37
N GLY A 93 16.54 27.72 -6.20
CA GLY A 93 16.58 26.30 -5.92
C GLY A 93 15.57 25.89 -4.85
N TRP A 94 15.85 24.78 -4.15
CA TRP A 94 14.88 24.11 -3.30
C TRP A 94 15.00 24.63 -1.88
N TYR A 95 13.87 24.81 -1.21
CA TYR A 95 13.87 25.13 0.21
C TYR A 95 12.60 24.62 0.85
N ASN A 96 12.59 24.67 2.18
CA ASN A 96 11.45 24.26 2.96
C ASN A 96 10.44 25.40 2.93
N GLY A 97 9.28 25.14 2.34
CA GLY A 97 8.21 26.11 2.30
C GLY A 97 7.55 26.42 3.63
N GLY A 98 6.84 27.54 3.65
CA GLY A 98 6.23 28.07 4.87
C GLY A 98 5.03 27.29 5.33
N LEU A 99 4.50 26.38 4.50
CA LEU A 99 3.27 25.67 4.90
C LEU A 99 3.43 24.95 6.26
N GLY A 100 4.59 24.34 6.47
CA GLY A 100 4.79 23.49 7.63
C GLY A 100 4.70 24.27 8.92
N GLY A 101 5.18 25.52 8.83
CA GLY A 101 5.12 26.45 9.95
C GLY A 101 3.73 26.68 10.46
N ALA A 102 2.70 26.57 9.61
CA ALA A 102 1.29 26.69 10.06
C ALA A 102 0.78 25.50 10.84
N LYS A 103 1.46 24.34 10.76
CA LYS A 103 1.08 23.17 11.51
C LYS A 103 -0.39 22.78 11.35
N PHE A 104 -0.84 22.69 10.10
CA PHE A 104 -2.18 22.19 9.83
C PHE A 104 -2.21 20.69 10.05
N GLN A 105 -2.95 20.25 11.07
CA GLN A 105 -3.07 18.85 11.45
C GLN A 105 -4.17 18.24 10.59
N VAL A 106 -3.87 17.13 9.92
CA VAL A 106 -4.87 16.46 9.05
C VAL A 106 -5.00 14.98 9.49
N ALA A 107 -5.99 14.23 8.97
CA ALA A 107 -6.08 12.80 9.32
C ALA A 107 -4.82 12.09 8.87
N PRO A 108 -4.36 11.06 9.63
CA PRO A 108 -3.09 10.43 9.23
C PRO A 108 -3.23 9.79 7.83
N TYR A 109 -4.45 9.45 7.43
CA TYR A 109 -4.73 8.83 6.13
C TYR A 109 -5.13 9.84 5.03
N SER A 110 -4.97 11.14 5.30
CA SER A 110 -5.32 12.17 4.32
C SER A 110 -4.50 12.09 3.07
N CYS A 111 -5.14 12.27 1.93
N CYS A 111 -5.15 12.28 1.94
CA CYS A 111 -4.42 12.59 0.70
CA CYS A 111 -4.48 12.61 0.69
C CYS A 111 -4.25 14.14 0.59
C CYS A 111 -4.28 14.15 0.58
N ILE A 112 -3.59 14.59 -0.46
CA ILE A 112 -3.39 16.01 -0.75
C ILE A 112 -3.54 16.28 -2.25
N ALA A 113 -4.19 17.40 -2.58
CA ALA A 113 -4.15 18.01 -3.93
C ALA A 113 -3.76 19.47 -3.83
N ALA A 114 -3.14 19.98 -4.89
CA ALA A 114 -2.64 21.34 -4.91
C ALA A 114 -2.76 21.94 -6.29
N VAL A 115 -3.16 23.22 -6.33
CA VAL A 115 -3.16 24.02 -7.57
C VAL A 115 -2.64 25.42 -7.28
N PHE A 116 -1.84 25.94 -8.21
CA PHE A 116 -1.72 27.40 -8.41
C PHE A 116 -2.97 27.87 -9.13
N LEU A 117 -3.55 28.98 -8.71
CA LEU A 117 -4.70 29.55 -9.43
C LEU A 117 -4.29 30.02 -10.84
N ALA A 118 -5.09 29.67 -11.83
CA ALA A 118 -4.81 29.90 -13.25
C ALA A 118 -5.01 31.37 -13.61
N GLY A 119 -4.32 31.83 -14.65
CA GLY A 119 -4.61 33.11 -15.30
C GLY A 119 -4.15 34.34 -14.54
N THR A 120 -3.20 34.17 -13.62
CA THR A 120 -2.57 35.29 -12.98
C THR A 120 -1.08 35.04 -12.76
N ASP A 121 -0.31 36.12 -12.73
CA ASP A 121 1.11 36.03 -12.44
C ASP A 121 1.37 35.93 -10.96
N ALA A 122 0.38 36.32 -10.17
CA ALA A 122 0.48 36.19 -8.72
C ALA A 122 0.67 34.73 -8.34
N LEU A 123 1.44 34.48 -7.29
CA LEU A 123 1.55 33.11 -6.74
C LEU A 123 0.49 32.91 -5.66
N GLN A 124 -0.61 32.31 -6.08
CA GLN A 124 -1.74 32.00 -5.23
C GLN A 124 -2.01 30.50 -5.29
N LEU A 125 -2.01 29.88 -4.14
CA LEU A 125 -2.10 28.44 -3.99
C LEU A 125 -3.35 28.06 -3.23
N ARG A 126 -3.92 26.95 -3.67
CA ARG A 126 -4.98 26.25 -2.95
C ARG A 126 -4.57 24.78 -2.79
N ILE A 127 -4.55 24.34 -1.53
CA ILE A 127 -4.20 22.95 -1.14
C ILE A 127 -5.44 22.30 -0.54
N TYR A 128 -5.66 21.03 -0.88
CA TYR A 128 -6.84 20.29 -0.39
C TYR A 128 -6.34 19.06 0.37
N ALA A 129 -6.85 18.86 1.59
CA ALA A 129 -6.49 17.67 2.40
C ALA A 129 -7.71 17.27 3.22
N GLN A 130 -7.61 16.20 4.00
CA GLN A 130 -8.75 15.74 4.82
C GLN A 130 -8.45 15.84 6.31
N LYS A 131 -9.30 16.53 7.05
CA LYS A 131 -9.14 16.66 8.50
C LYS A 131 -9.60 15.40 9.25
N PRO A 132 -9.29 15.34 10.55
CA PRO A 132 -9.72 14.19 11.35
C PRO A 132 -11.22 13.91 11.27
N ASP A 133 -12.06 14.92 11.01
CA ASP A 133 -13.49 14.70 10.95
C ASP A 133 -13.93 14.19 9.59
N ASN A 134 -12.95 13.89 8.75
CA ASN A 134 -13.16 13.39 7.38
C ASN A 134 -13.69 14.42 6.37
N THR A 135 -13.77 15.69 6.78
CA THR A 135 -14.11 16.73 5.82
C THR A 135 -12.86 17.14 4.98
N ILE A 136 -13.13 17.59 3.76
CA ILE A 136 -12.10 18.12 2.87
C ILE A 136 -11.95 19.60 3.19
N GLN A 137 -10.77 19.99 3.61
CA GLN A 137 -10.48 21.37 3.92
C GLN A 137 -9.58 21.98 2.83
N GLU A 138 -9.92 23.19 2.43
CA GLU A 138 -9.05 23.99 1.62
C GLU A 138 -8.11 24.82 2.48
N TYR A 139 -6.86 24.92 2.03
CA TYR A 139 -5.85 25.80 2.63
C TYR A 139 -5.32 26.76 1.55
N MET A 140 -5.11 28.04 1.91
CA MET A 140 -4.85 29.14 0.97
C MET A 140 -3.59 29.87 1.25
N TRP A 141 -2.87 30.19 0.18
CA TRP A 141 -1.76 31.14 0.24
C TRP A 141 -2.08 32.23 -0.76
N ASN A 142 -2.31 33.44 -0.26
CA ASN A 142 -2.45 34.60 -1.12
C ASN A 142 -1.42 35.72 -0.86
N GLY A 143 -0.18 35.36 -0.58
CA GLY A 143 0.94 36.32 -0.50
C GLY A 143 1.17 36.85 0.89
N ASP A 144 0.26 36.56 1.80
CA ASP A 144 0.45 36.98 3.18
C ASP A 144 0.05 35.92 4.19
N GLY A 145 0.81 34.84 4.19
CA GLY A 145 0.61 33.74 5.12
C GLY A 145 -0.41 32.70 4.69
N TRP A 146 -0.27 31.52 5.27
CA TRP A 146 -1.16 30.44 5.05
C TRP A 146 -2.32 30.57 5.94
N LYS A 147 -3.51 30.36 5.37
CA LYS A 147 -4.75 30.44 6.07
C LYS A 147 -5.70 29.33 5.62
N GLU A 148 -6.59 28.90 6.50
CA GLU A 148 -7.72 28.05 6.06
C GLU A 148 -8.70 28.77 5.15
N GLY A 149 -9.12 28.10 4.08
CA GLY A 149 -10.12 28.57 3.16
C GLY A 149 -11.43 27.87 3.42
N THR A 150 -12.14 27.51 2.37
CA THR A 150 -13.47 26.92 2.47
C THR A 150 -13.40 25.44 2.89
N ASN A 151 -14.26 25.04 3.84
CA ASN A 151 -14.48 23.60 4.11
C ASN A 151 -15.47 23.00 3.11
N LEU A 152 -15.09 21.90 2.47
CA LEU A 152 -15.91 21.34 1.38
C LEU A 152 -16.68 20.07 1.73
N GLY A 153 -16.81 19.78 3.03
CA GLY A 153 -17.74 18.77 3.48
C GLY A 153 -17.14 17.37 3.57
N GLY A 154 -17.99 16.42 3.95
CA GLY A 154 -17.53 15.05 4.22
C GLY A 154 -17.07 14.27 2.98
N ALA A 155 -16.11 13.37 3.23
CA ALA A 155 -15.65 12.47 2.18
C ALA A 155 -15.24 11.17 2.85
N LEU A 156 -15.10 10.13 2.04
CA LEU A 156 -14.69 8.81 2.51
C LEU A 156 -13.36 8.91 3.18
N PRO A 157 -13.19 8.30 4.36
CA PRO A 157 -11.92 8.53 5.00
C PRO A 157 -10.79 7.90 4.21
N GLY A 158 -9.77 8.70 3.87
CA GLY A 158 -8.68 8.20 3.04
C GLY A 158 -8.84 8.42 1.56
N THR A 159 -9.89 9.16 1.19
CA THR A 159 -10.17 9.42 -0.21
C THR A 159 -8.97 10.02 -0.90
N GLY A 160 -8.81 9.60 -2.13
CA GLY A 160 -8.00 10.29 -3.11
C GLY A 160 -8.59 11.69 -3.35
N ILE A 161 -7.74 12.64 -3.74
CA ILE A 161 -8.23 14.01 -4.09
C ILE A 161 -7.51 14.46 -5.35
N GLY A 162 -8.30 14.84 -6.37
CA GLY A 162 -7.77 15.43 -7.59
C GLY A 162 -8.21 16.87 -7.68
N ALA A 163 -7.35 17.74 -8.28
CA ALA A 163 -7.73 19.15 -8.41
C ALA A 163 -7.10 19.80 -9.64
N THR A 164 -7.80 20.78 -10.19
CA THR A 164 -7.33 21.54 -11.32
C THR A 164 -7.87 22.99 -11.23
N SER A 165 -7.09 23.94 -11.71
CA SER A 165 -7.56 25.32 -11.88
C SER A 165 -7.38 25.71 -13.34
N PHE A 166 -8.37 26.46 -13.85
CA PHE A 166 -8.31 27.03 -15.19
C PHE A 166 -8.98 28.40 -15.12
N ARG A 167 -8.73 29.23 -16.13
CA ARG A 167 -9.40 30.53 -16.24
C ARG A 167 -10.04 30.64 -17.62
N TYR A 168 -11.36 30.71 -17.64
CA TYR A 168 -12.07 30.97 -18.87
C TYR A 168 -11.65 32.33 -19.40
N THR A 169 -11.56 32.45 -20.72
CA THR A 169 -11.01 33.65 -21.31
C THR A 169 -12.02 34.81 -21.26
N ASP A 170 -13.28 34.52 -20.96
CA ASP A 170 -14.30 35.53 -20.75
C ASP A 170 -14.57 35.82 -19.28
N TYR A 171 -13.80 35.19 -18.38
CA TYR A 171 -13.93 35.45 -16.94
C TYR A 171 -12.80 36.35 -16.45
N ASN A 172 -13.06 36.97 -15.30
CA ASN A 172 -12.15 37.91 -14.71
C ASN A 172 -11.36 37.31 -13.54
N GLY A 173 -11.48 35.98 -13.37
CA GLY A 173 -10.92 35.33 -12.19
C GLY A 173 -10.91 33.82 -12.43
N PRO A 174 -10.14 33.11 -11.65
CA PRO A 174 -9.91 31.66 -11.86
C PRO A 174 -11.07 30.79 -11.41
N SER A 175 -11.18 29.61 -12.00
CA SER A 175 -12.09 28.56 -11.53
C SER A 175 -11.30 27.41 -10.93
N ILE A 176 -11.95 26.63 -10.09
CA ILE A 176 -11.33 25.47 -9.45
C ILE A 176 -12.28 24.32 -9.61
N ARG A 177 -11.75 23.13 -9.85
CA ARG A 177 -12.54 21.93 -9.75
C ARG A 177 -11.75 20.91 -8.95
N ILE A 178 -12.42 20.24 -8.00
CA ILE A 178 -11.81 19.12 -7.22
C ILE A 178 -12.64 17.87 -7.31
N TRP A 179 -11.99 16.71 -7.15
CA TRP A 179 -12.72 15.46 -7.20
C TRP A 179 -12.26 14.58 -6.06
N PHE A 180 -13.22 13.82 -5.54
CA PHE A 180 -12.96 12.93 -4.40
C PHE A 180 -14.03 11.83 -4.30
N GLN A 181 -13.87 10.94 -3.33
CA GLN A 181 -14.77 9.84 -3.14
C GLN A 181 -15.61 10.06 -1.88
N THR A 182 -16.89 9.78 -1.96
CA THR A 182 -17.73 9.87 -0.79
C THR A 182 -17.98 8.48 -0.11
N ASP A 183 -18.61 8.49 1.08
CA ASP A 183 -18.81 7.22 1.83
C ASP A 183 -19.54 6.16 1.05
N ASP A 184 -20.42 6.56 0.15
CA ASP A 184 -21.14 5.60 -0.68
C ASP A 184 -20.28 5.02 -1.80
N LEU A 185 -19.00 5.40 -1.83
CA LEU A 185 -18.00 4.94 -2.76
C LEU A 185 -18.05 5.61 -4.17
N LYS A 186 -19.00 6.51 -4.41
CA LYS A 186 -19.05 7.26 -5.66
C LYS A 186 -17.85 8.20 -5.71
N LEU A 187 -17.48 8.55 -6.94
CA LEU A 187 -16.52 9.61 -7.21
C LEU A 187 -17.32 10.86 -7.58
N VAL A 188 -17.01 11.97 -6.97
CA VAL A 188 -17.77 13.21 -7.21
C VAL A 188 -16.84 14.39 -7.45
N GLN A 189 -17.45 15.46 -8.00
CA GLN A 189 -16.82 16.74 -8.27
C GLN A 189 -17.46 17.78 -7.39
N ARG A 190 -16.63 18.69 -6.88
CA ARG A 190 -17.07 20.01 -6.44
C ARG A 190 -16.40 21.12 -7.25
N ALA A 191 -17.07 22.26 -7.33
CA ALA A 191 -16.73 23.28 -8.31
C ALA A 191 -16.82 24.64 -7.74
N TYR A 192 -15.84 25.46 -8.10
CA TYR A 192 -15.75 26.85 -7.72
C TYR A 192 -15.62 27.74 -8.99
N ASP A 193 -16.54 28.69 -9.13
CA ASP A 193 -16.47 29.76 -10.14
C ASP A 193 -16.58 31.10 -9.40
N PRO A 194 -15.99 32.18 -9.99
CA PRO A 194 -15.99 33.45 -9.29
C PRO A 194 -17.39 34.05 -9.04
N HIS A 195 -18.41 33.68 -9.81
CA HIS A 195 -19.76 34.23 -9.56
C HIS A 195 -20.62 33.43 -8.66
N LYS A 196 -20.37 32.13 -8.60
CA LYS A 196 -21.19 31.22 -7.78
C LYS A 196 -20.48 30.78 -6.55
N GLY A 197 -19.19 31.09 -6.45
CA GLY A 197 -18.36 30.56 -5.40
C GLY A 197 -18.35 29.04 -5.53
N TRP A 198 -18.32 28.33 -4.41
CA TRP A 198 -18.47 26.87 -4.46
C TRP A 198 -19.90 26.48 -4.70
N TYR A 199 -20.17 25.76 -5.79
CA TYR A 199 -21.50 25.30 -6.10
C TYR A 199 -21.98 24.41 -4.94
N PRO A 200 -23.27 24.53 -4.56
CA PRO A 200 -23.72 23.86 -3.32
C PRO A 200 -23.66 22.33 -3.36
N ASP A 201 -23.89 21.75 -4.55
CA ASP A 201 -24.09 20.32 -4.71
C ASP A 201 -22.91 19.54 -5.35
N LEU A 202 -22.81 18.26 -4.98
CA LEU A 202 -21.84 17.33 -5.56
C LEU A 202 -22.34 16.84 -6.90
N VAL A 203 -21.44 16.73 -7.88
CA VAL A 203 -21.78 16.11 -9.15
C VAL A 203 -21.07 14.76 -9.20
N THR A 204 -21.83 13.70 -9.45
CA THR A 204 -21.23 12.35 -9.53
C THR A 204 -20.56 12.17 -10.85
N ILE A 205 -19.31 11.73 -10.85
CA ILE A 205 -18.59 11.39 -12.09
C ILE A 205 -18.38 9.86 -12.31
N PHE A 206 -18.53 9.05 -11.25
CA PHE A 206 -18.42 7.60 -11.36
C PHE A 206 -19.22 6.96 -10.23
N ASP A 207 -19.98 5.93 -10.56
CA ASP A 207 -20.97 5.40 -9.60
C ASP A 207 -20.39 4.63 -8.42
N ARG A 208 -19.37 3.82 -8.67
CA ARG A 208 -18.77 3.00 -7.61
C ARG A 208 -17.30 2.77 -7.96
N ALA A 209 -16.43 3.09 -7.01
CA ALA A 209 -14.98 2.92 -7.24
C ALA A 209 -14.39 2.19 -6.03
N PRO A 210 -13.19 1.62 -6.18
CA PRO A 210 -12.52 0.97 -5.06
C PRO A 210 -12.28 1.95 -3.90
N PRO A 211 -12.36 1.46 -2.66
CA PRO A 211 -12.21 2.36 -1.53
C PRO A 211 -10.83 2.94 -1.48
N ARG A 212 -10.72 4.26 -1.33
CA ARG A 212 -9.44 5.00 -1.28
C ARG A 212 -8.68 4.88 -2.60
N THR A 213 -9.40 4.59 -3.69
CA THR A 213 -8.73 4.59 -4.98
C THR A 213 -8.03 5.94 -5.25
N ALA A 214 -6.88 5.89 -5.94
CA ALA A 214 -6.17 7.09 -6.39
C ALA A 214 -7.07 7.94 -7.31
N ILE A 215 -6.92 9.26 -7.23
CA ILE A 215 -7.70 10.19 -8.11
C ILE A 215 -6.78 11.31 -8.53
N ALA A 216 -6.71 11.55 -9.85
CA ALA A 216 -5.85 12.58 -10.44
C ALA A 216 -6.56 13.25 -11.59
N ALA A 217 -6.39 14.55 -11.71
CA ALA A 217 -7.14 15.38 -12.67
C ALA A 217 -6.30 16.43 -13.38
N THR A 218 -6.69 16.72 -14.63
CA THR A 218 -6.11 17.81 -15.36
C THR A 218 -7.20 18.57 -16.13
N SER A 219 -6.84 19.77 -16.59
CA SER A 219 -7.69 20.52 -17.52
C SER A 219 -6.84 21.22 -18.56
N PHE A 220 -7.45 21.47 -19.71
CA PHE A 220 -6.77 22.13 -20.80
C PHE A 220 -7.74 22.82 -21.76
N GLY A 221 -7.18 23.72 -22.55
CA GLY A 221 -7.90 24.41 -23.60
C GLY A 221 -9.02 25.30 -23.14
N ALA A 222 -8.84 26.03 -22.03
CA ALA A 222 -9.83 27.01 -21.60
C ALA A 222 -10.14 28.04 -22.71
N GLY A 223 -11.41 28.36 -22.86
CA GLY A 223 -11.83 29.38 -23.81
C GLY A 223 -13.01 30.16 -23.26
N ASN A 224 -13.85 30.71 -24.13
CA ASN A 224 -15.02 31.45 -23.63
C ASN A 224 -16.10 30.51 -23.06
N SER A 225 -16.16 30.46 -21.73
CA SER A 225 -17.09 29.60 -21.01
C SER A 225 -16.91 28.10 -21.42
N SER A 226 -15.68 27.73 -21.74
CA SER A 226 -15.38 26.39 -22.26
C SER A 226 -14.11 25.84 -21.65
N ILE A 227 -14.15 24.54 -21.37
CA ILE A 227 -13.03 23.82 -20.78
C ILE A 227 -13.11 22.37 -21.20
N TYR A 228 -11.95 21.69 -21.13
CA TYR A 228 -11.82 20.23 -21.27
C TYR A 228 -11.13 19.71 -20.01
N MET A 229 -11.62 18.62 -19.49
CA MET A 229 -11.08 18.06 -18.26
C MET A 229 -10.94 16.55 -18.40
N ARG A 230 -9.96 15.99 -17.70
CA ARG A 230 -9.76 14.59 -17.64
C ARG A 230 -9.49 14.17 -16.22
N ILE A 231 -10.23 13.17 -15.76
CA ILE A 231 -10.07 12.63 -14.38
C ILE A 231 -9.67 11.16 -14.44
N TYR A 232 -8.68 10.79 -13.67
CA TYR A 232 -8.23 9.40 -13.68
C TYR A 232 -8.34 8.78 -12.32
N PHE A 233 -8.74 7.51 -12.28
CA PHE A 233 -8.70 6.72 -11.01
C PHE A 233 -8.42 5.25 -11.27
N VAL A 234 -8.11 4.51 -10.22
CA VAL A 234 -7.81 3.07 -10.33
C VAL A 234 -9.10 2.32 -10.06
N ASN A 235 -9.59 1.68 -11.10
CA ASN A 235 -10.84 0.92 -11.02
C ASN A 235 -10.65 -0.49 -10.47
N SER A 236 -11.75 -1.23 -10.27
CA SER A 236 -11.67 -2.56 -9.64
C SER A 236 -11.07 -3.65 -10.51
N ASP A 237 -10.83 -3.34 -11.79
CA ASP A 237 -10.19 -4.23 -12.72
C ASP A 237 -8.67 -4.04 -12.75
N ASN A 238 -8.17 -3.35 -11.76
CA ASN A 238 -6.73 -3.01 -11.65
C ASN A 238 -6.20 -2.29 -12.86
N THR A 239 -7.01 -1.36 -13.36
CA THR A 239 -6.54 -0.47 -14.45
C THR A 239 -6.89 0.98 -14.12
N ILE A 240 -6.13 1.93 -14.68
CA ILE A 240 -6.58 3.32 -14.71
C ILE A 240 -7.71 3.46 -15.69
N TRP A 241 -8.77 4.08 -15.25
CA TRP A 241 -9.85 4.60 -16.06
C TRP A 241 -9.77 6.12 -16.14
N GLN A 242 -10.23 6.63 -17.27
CA GLN A 242 -10.31 8.04 -17.62
C GLN A 242 -11.79 8.43 -17.64
N VAL A 243 -12.13 9.58 -17.05
CA VAL A 243 -13.42 10.20 -17.21
C VAL A 243 -13.28 11.52 -17.96
N TRP A 245 -14.68 15.15 -19.50
CA TRP A 245 -15.48 16.36 -19.73
C TRP A 245 -15.00 17.00 -21.02
N ASP A 246 -15.91 17.14 -21.99
CA ASP A 246 -15.63 17.91 -23.20
C ASP A 246 -16.68 18.99 -23.39
N HIS A 247 -16.20 20.19 -23.72
CA HIS A 247 -17.06 21.35 -23.90
C HIS A 247 -18.14 21.01 -24.88
N GLY A 248 -19.37 21.41 -24.55
CA GLY A 248 -20.53 21.09 -25.36
C GLY A 248 -21.14 19.73 -25.15
N LYS A 249 -20.44 18.83 -24.44
CA LYS A 249 -20.99 17.49 -24.15
C LYS A 249 -21.07 17.16 -22.67
N GLY A 250 -20.28 17.85 -21.84
CA GLY A 250 -20.27 17.60 -20.39
C GLY A 250 -19.53 16.32 -20.08
N TYR A 251 -19.94 15.65 -19.01
CA TYR A 251 -19.32 14.38 -18.55
C TYR A 251 -20.00 13.28 -19.34
N HIS A 252 -19.47 12.96 -20.50
CA HIS A 252 -20.16 12.15 -21.52
C HIS A 252 -19.52 10.83 -21.80
N ASP A 253 -18.27 10.60 -21.33
CA ASP A 253 -17.60 9.33 -21.61
C ASP A 253 -16.64 8.95 -20.51
N LYS A 254 -16.22 7.69 -20.58
CA LYS A 254 -15.30 7.08 -19.61
C LYS A 254 -14.82 5.74 -20.12
N GLY A 255 -13.63 5.30 -19.70
CA GLY A 255 -13.11 4.02 -20.10
C GLY A 255 -11.72 3.73 -19.60
N THR A 256 -11.34 2.47 -19.70
CA THR A 256 -10.02 2.02 -19.28
C THR A 256 -8.91 2.60 -20.15
N ILE A 257 -7.79 2.88 -19.49
CA ILE A 257 -6.59 3.40 -20.15
C ILE A 257 -5.43 2.38 -20.15
N THR A 258 -5.02 1.88 -18.99
CA THR A 258 -3.85 1.05 -18.94
C THR A 258 -3.77 0.27 -17.59
N PRO A 259 -3.22 -0.96 -17.60
CA PRO A 259 -3.12 -1.72 -16.37
C PRO A 259 -2.20 -1.08 -15.34
N VAL A 260 -2.52 -1.25 -14.08
CA VAL A 260 -1.63 -0.89 -12.97
C VAL A 260 -1.51 -2.02 -11.96
N ILE A 261 -0.58 -1.90 -11.03
CA ILE A 261 -0.52 -2.75 -9.86
C ILE A 261 -1.73 -2.40 -8.99
N GLN A 262 -2.18 -3.38 -8.25
CA GLN A 262 -3.18 -3.19 -7.23
C GLN A 262 -2.75 -2.04 -6.36
N GLY A 263 -3.64 -1.09 -6.15
CA GLY A 263 -3.35 0.06 -5.30
C GLY A 263 -2.34 1.07 -5.81
N SER A 264 -2.07 1.11 -7.14
CA SER A 264 -1.16 2.11 -7.67
C SER A 264 -1.70 3.49 -7.39
N GLU A 265 -0.79 4.41 -7.13
CA GLU A 265 -1.13 5.85 -7.24
C GLU A 265 -0.98 6.35 -8.68
N VAL A 266 -1.46 7.57 -8.91
CA VAL A 266 -1.57 8.12 -10.27
C VAL A 266 -1.28 9.61 -10.30
N ALA A 267 -0.56 10.05 -11.32
CA ALA A 267 -0.38 11.46 -11.57
C ALA A 267 -0.62 11.74 -13.04
N ILE A 268 -1.10 12.97 -13.30
CA ILE A 268 -1.41 13.45 -14.66
C ILE A 268 -0.86 14.85 -14.86
N ILE A 269 -0.27 15.07 -16.03
CA ILE A 269 0.04 16.41 -16.53
C ILE A 269 -0.50 16.56 -17.94
N SER A 270 -0.74 17.81 -18.34
CA SER A 270 -1.15 18.10 -19.70
C SER A 270 -0.61 19.47 -20.19
N TRP A 271 -0.64 19.61 -21.50
CA TRP A 271 -0.36 20.87 -22.16
C TRP A 271 -0.98 20.93 -23.52
N GLY A 272 -1.22 22.16 -23.98
CA GLY A 272 -1.79 22.33 -25.31
C GLY A 272 -3.29 22.14 -25.35
N SER A 273 -3.83 22.08 -26.55
CA SER A 273 -5.28 22.07 -26.74
C SER A 273 -5.66 21.42 -28.05
N PHE A 274 -6.94 21.04 -28.18
CA PHE A 274 -7.46 20.50 -29.42
C PHE A 274 -7.32 21.50 -30.58
N ALA A 275 -7.42 22.79 -30.30
CA ALA A 275 -7.42 23.87 -31.33
C ALA A 275 -6.02 24.08 -31.92
N ASN A 276 -5.01 23.56 -31.23
CA ASN A 276 -3.63 23.77 -31.59
C ASN A 276 -2.76 22.51 -31.53
N ASN A 277 -3.22 21.48 -32.23
CA ASN A 277 -2.47 20.20 -32.40
C ASN A 277 -2.06 19.54 -31.11
N GLY A 278 -2.94 19.63 -30.13
CA GLY A 278 -2.82 18.83 -28.93
C GLY A 278 -4.20 18.32 -28.52
N PRO A 279 -4.40 18.09 -27.22
CA PRO A 279 -3.41 18.35 -26.18
C PRO A 279 -2.37 17.23 -26.16
N ASP A 280 -1.42 17.37 -25.23
CA ASP A 280 -0.57 16.28 -24.83
C ASP A 280 -0.94 15.89 -23.37
N LEU A 281 -0.96 14.59 -23.07
CA LEU A 281 -1.24 14.05 -21.74
C LEU A 281 -0.08 13.12 -21.36
N ARG A 282 0.33 13.15 -20.09
CA ARG A 282 1.26 12.13 -19.57
C ARG A 282 0.74 11.64 -18.24
N LEU A 283 0.67 10.32 -18.05
CA LEU A 283 0.22 9.67 -16.81
C LEU A 283 1.38 8.91 -16.25
N TYR A 284 1.52 8.96 -14.94
CA TYR A 284 2.55 8.25 -14.19
C TYR A 284 1.89 7.37 -13.13
N PHE A 285 2.42 6.16 -12.98
CA PHE A 285 1.79 5.14 -12.13
C PHE A 285 2.76 3.98 -12.01
N GLN A 286 2.38 2.98 -11.22
CA GLN A 286 3.14 1.73 -11.11
C GLN A 286 2.36 0.61 -11.78
N ASN A 287 2.97 -0.07 -12.76
CA ASN A 287 2.31 -1.19 -13.43
C ASN A 287 3.09 -2.50 -13.28
N GLY A 288 4.13 -2.49 -12.44
CA GLY A 288 4.90 -3.71 -12.19
C GLY A 288 6.19 -3.82 -12.98
N THR A 289 6.51 -2.80 -13.77
CA THR A 289 7.77 -2.79 -14.54
C THR A 289 8.97 -2.75 -13.58
N TYR A 290 9.87 -3.75 -13.66
CA TYR A 290 10.96 -3.97 -12.70
C TYR A 290 10.40 -3.99 -11.28
N ILE A 291 9.18 -4.52 -11.16
CA ILE A 291 8.44 -4.63 -9.89
C ILE A 291 7.92 -3.29 -9.40
N SER A 292 8.83 -2.38 -9.03
CA SER A 292 8.47 -1.17 -8.30
C SER A 292 8.78 0.12 -9.07
N ALA A 293 9.25 0.01 -10.30
CA ALA A 293 9.52 1.21 -11.11
C ALA A 293 8.21 1.96 -11.41
N VAL A 294 8.35 3.27 -11.60
CA VAL A 294 7.26 4.14 -12.07
C VAL A 294 7.28 4.11 -13.60
N SER A 295 6.12 3.91 -14.22
CA SER A 295 5.93 3.92 -15.68
C SER A 295 5.12 5.11 -16.19
N GLU A 296 5.21 5.36 -17.48
CA GLU A 296 4.55 6.47 -18.10
C GLU A 296 3.57 6.03 -19.22
N TRP A 297 2.44 6.71 -19.31
CA TRP A 297 1.51 6.61 -20.47
C TRP A 297 1.38 7.95 -21.16
N VAL A 298 1.34 7.90 -22.50
CA VAL A 298 1.38 9.07 -23.37
C VAL A 298 0.09 9.18 -24.20
N TRP A 299 -0.43 10.39 -24.36
CA TRP A 299 -1.44 10.70 -25.39
C TRP A 299 -0.96 11.92 -26.12
N ASN A 300 -0.93 11.83 -27.46
CA ASN A 300 -0.78 13.04 -28.30
C ASN A 300 -1.58 12.92 -29.58
N ARG A 301 -1.58 14.00 -30.38
CA ARG A 301 -2.37 14.02 -31.62
C ARG A 301 -1.76 13.14 -32.71
N ALA A 302 -0.44 13.14 -32.73
CA ALA A 302 0.33 12.40 -33.72
C ALA A 302 0.04 10.91 -33.64
N HIS A 303 0.10 10.35 -32.44
CA HIS A 303 0.00 8.87 -32.29
C HIS A 303 -1.05 8.37 -31.34
N GLY A 304 -1.81 9.27 -30.72
CA GLY A 304 -2.84 8.82 -29.77
C GLY A 304 -2.28 8.13 -28.53
N SER A 305 -2.91 7.02 -28.14
CA SER A 305 -2.62 6.30 -26.86
C SER A 305 -1.45 5.34 -26.99
N GLN A 306 -0.39 5.53 -26.22
CA GLN A 306 0.74 4.64 -26.23
C GLN A 306 1.40 4.63 -24.85
N LEU A 307 1.95 3.49 -24.47
CA LEU A 307 2.88 3.50 -23.32
C LEU A 307 4.15 4.33 -23.62
N GLY A 308 4.63 5.11 -22.66
CA GLY A 308 5.86 5.88 -22.88
C GLY A 308 7.02 5.22 -22.20
N ARG A 309 7.79 5.98 -21.40
CA ARG A 309 8.94 5.47 -20.69
C ARG A 309 8.51 4.28 -19.80
N SER A 310 9.12 3.11 -19.98
CA SER A 310 8.65 1.91 -19.25
C SER A 310 9.06 1.93 -17.78
N ALA A 311 10.20 2.54 -17.47
CA ALA A 311 10.67 2.62 -16.11
C ALA A 311 11.46 3.95 -15.93
N LEU A 312 10.86 4.88 -15.19
CA LEU A 312 11.45 6.16 -14.96
C LEU A 312 12.71 6.01 -14.11
N PRO A 313 13.66 6.93 -14.28
CA PRO A 313 14.78 7.01 -13.35
C PRO A 313 14.28 7.03 -11.92
N PRO A 314 14.95 6.29 -11.01
CA PRO A 314 16.31 5.74 -11.10
C PRO A 314 16.42 4.33 -11.64
N ALA A 315 15.32 3.80 -12.18
CA ALA A 315 15.27 2.40 -12.61
C ALA A 315 16.29 2.19 -13.67
N SER B 2 -17.29 4.72 7.36
CA SER B 2 -16.33 4.01 8.23
C SER B 2 -16.79 4.11 9.70
N THR B 3 -15.91 3.71 10.60
CA THR B 3 -16.15 3.93 12.00
C THR B 3 -14.88 4.49 12.49
N PRO B 4 -14.92 5.18 13.62
CA PRO B 4 -13.68 5.78 14.12
C PRO B 4 -12.62 4.76 14.50
N GLY B 5 -13.10 3.62 15.02
CA GLY B 5 -12.25 2.47 15.29
C GLY B 5 -11.54 1.96 14.05
N ALA B 6 -12.29 1.70 12.98
CA ALA B 6 -11.67 1.16 11.77
C ALA B 6 -10.63 2.12 11.19
N GLN B 7 -10.89 3.42 11.37
CA GLN B 7 -10.02 4.48 10.89
C GLN B 7 -8.66 4.40 11.52
N GLN B 8 -8.57 3.73 12.68
CA GLN B 8 -7.31 3.62 13.37
C GLN B 8 -6.37 2.55 12.77
N VAL B 9 -6.94 1.62 11.99
CA VAL B 9 -6.19 0.53 11.30
C VAL B 9 -5.51 1.03 10.01
N LEU B 10 -4.22 0.75 9.86
CA LEU B 10 -3.48 1.14 8.67
C LEU B 10 -4.01 0.39 7.43
N PHE B 11 -4.39 1.14 6.40
CA PHE B 11 -4.84 0.55 5.14
C PHE B 11 -3.67 -0.26 4.55
N ARG B 12 -3.94 -1.52 4.20
CA ARG B 12 -2.91 -2.50 3.76
C ARG B 12 -1.91 -2.83 4.85
N THR B 13 -2.33 -2.72 6.11
CA THR B 13 -1.54 -3.16 7.23
C THR B 13 -1.03 -4.59 7.07
N GLY B 14 0.18 -4.81 7.55
CA GLY B 14 0.62 -6.19 7.82
C GLY B 14 -0.35 -6.82 8.83
N ILE B 15 -0.66 -8.10 8.65
CA ILE B 15 -1.55 -8.86 9.56
C ILE B 15 -0.92 -10.21 9.95
N ALA B 16 -0.97 -10.55 11.24
CA ALA B 16 -0.53 -11.86 11.73
C ALA B 16 -1.52 -12.36 12.76
N ALA B 17 -1.52 -13.67 12.98
CA ALA B 17 -2.37 -14.24 13.94
C ALA B 17 -1.70 -15.47 14.54
N VAL B 18 -2.10 -15.75 15.77
CA VAL B 18 -1.75 -16.96 16.50
C VAL B 18 -2.94 -17.48 17.31
N ASN B 19 -2.85 -18.71 17.81
CA ASN B 19 -3.98 -19.31 18.48
C ASN B 19 -3.59 -20.51 19.34
N SER B 20 -4.48 -20.86 20.26
CA SER B 20 -4.49 -22.18 20.88
C SER B 20 -5.93 -22.62 20.71
N THR B 21 -6.12 -23.65 19.91
CA THR B 21 -7.43 -24.01 19.36
C THR B 21 -8.18 -22.71 19.05
N ASN B 22 -9.36 -22.49 19.66
CA ASN B 22 -10.20 -21.33 19.31
C ASN B 22 -9.97 -20.11 20.23
N HIS B 23 -8.81 -20.04 20.90
CA HIS B 23 -8.38 -18.86 21.62
C HIS B 23 -7.43 -18.14 20.70
N LEU B 24 -7.82 -16.94 20.26
CA LEU B 24 -7.18 -16.24 19.13
C LEU B 24 -6.58 -14.89 19.49
N ARG B 25 -5.47 -14.56 18.83
CA ARG B 25 -4.88 -13.25 18.82
C ARG B 25 -4.54 -12.84 17.38
N VAL B 26 -4.79 -11.57 17.11
CA VAL B 26 -4.54 -10.98 15.79
C VAL B 26 -3.76 -9.70 15.99
N TYR B 27 -2.65 -9.57 15.25
CA TYR B 27 -1.79 -8.42 15.27
C TYR B 27 -1.88 -7.61 13.97
N PHE B 28 -1.89 -6.28 14.11
CA PHE B 28 -1.93 -5.39 12.95
C PHE B 28 -1.26 -4.09 13.35
N GLN B 29 -1.07 -3.20 12.37
CA GLN B 29 -0.39 -1.90 12.58
C GLN B 29 -1.44 -0.77 12.52
N ASP B 30 -1.33 0.18 13.44
CA ASP B 30 -2.24 1.34 13.39
C ASP B 30 -1.67 2.40 12.52
N VAL B 31 -2.47 3.44 12.30
CA VAL B 31 -2.02 4.57 11.46
C VAL B 31 -0.79 5.29 11.98
N TYR B 32 -0.47 5.15 13.28
CA TYR B 32 0.72 5.78 13.85
C TYR B 32 1.97 4.88 13.83
N GLY B 33 1.84 3.66 13.36
CA GLY B 33 3.02 2.78 13.35
C GLY B 33 3.10 1.79 14.50
N SER B 34 2.17 1.91 15.46
CA SER B 34 2.10 0.97 16.57
C SER B 34 1.52 -0.38 16.18
N ILE B 35 2.09 -1.44 16.74
CA ILE B 35 1.56 -2.78 16.59
C ILE B 35 0.62 -3.04 17.72
N ARG B 36 -0.62 -3.39 17.37
CA ARG B 36 -1.69 -3.64 18.33
C ARG B 36 -2.17 -5.10 18.28
N GLU B 37 -2.81 -5.55 19.37
CA GLU B 37 -3.39 -6.89 19.51
C GLU B 37 -4.91 -6.89 19.72
N SER B 38 -5.64 -7.60 18.86
CA SER B 38 -7.03 -7.92 19.12
C SER B 38 -7.10 -9.36 19.59
N LEU B 39 -8.14 -9.69 20.35
CA LEU B 39 -8.28 -11.05 20.89
C LEU B 39 -9.69 -11.64 20.83
N TYR B 40 -9.73 -12.97 20.78
CA TYR B 40 -10.94 -13.71 20.84
C TYR B 40 -10.79 -14.75 21.94
N GLU B 41 -11.53 -14.52 23.03
CA GLU B 41 -11.67 -15.50 24.08
C GLU B 41 -13.18 -15.64 24.26
N GLY B 42 -13.82 -16.41 23.39
CA GLY B 42 -15.27 -16.53 23.32
C GLY B 42 -16.03 -15.36 22.70
N SER B 43 -15.43 -14.16 22.76
CA SER B 43 -15.90 -12.97 22.01
C SER B 43 -14.72 -12.08 21.66
N TRP B 44 -14.89 -11.24 20.64
CA TRP B 44 -13.81 -10.36 20.18
C TRP B 44 -13.63 -9.18 21.06
N ALA B 45 -12.38 -8.81 21.35
CA ALA B 45 -12.02 -7.65 22.15
C ALA B 45 -10.73 -6.98 21.69
N ASN B 46 -10.50 -5.78 22.24
CA ASN B 46 -9.20 -5.14 22.29
C ASN B 46 -8.81 -4.44 20.99
N GLY B 47 -7.54 -4.47 20.59
CA GLY B 47 -7.07 -3.72 19.42
C GLY B 47 -7.08 -2.20 19.56
N THR B 48 -7.08 -1.68 20.80
CA THR B 48 -7.10 -0.25 21.06
C THR B 48 -5.69 0.25 21.32
N GLU B 49 -5.57 1.57 21.56
CA GLU B 49 -4.28 2.18 21.89
C GLU B 49 -3.72 1.61 23.17
N LYS B 50 -4.58 1.01 23.97
CA LYS B 50 -4.18 0.38 25.23
C LYS B 50 -3.67 -1.04 24.98
N ASN B 51 -3.82 -1.56 23.76
CA ASN B 51 -3.31 -2.88 23.43
C ASN B 51 -2.12 -2.85 22.46
N VAL B 52 -1.23 -1.86 22.64
CA VAL B 52 -0.01 -1.73 21.82
C VAL B 52 1.13 -2.57 22.42
N ILE B 53 1.79 -3.36 21.59
CA ILE B 53 2.88 -4.22 22.04
C ILE B 53 4.24 -3.76 21.59
N GLY B 54 4.25 -2.70 20.78
CA GLY B 54 5.48 -2.09 20.36
C GLY B 54 5.22 -1.27 19.10
N ASN B 55 6.32 -0.79 18.53
CA ASN B 55 6.33 0.05 17.33
C ASN B 55 7.26 -0.46 16.30
N ALA B 56 6.85 -0.23 15.02
CA ALA B 56 7.63 -0.59 13.86
C ALA B 56 7.50 0.49 12.77
N LYS B 57 8.39 0.44 11.79
CA LYS B 57 8.32 1.34 10.64
C LYS B 57 6.94 1.25 10.01
N LEU B 58 6.37 2.40 9.70
CA LEU B 58 5.12 2.46 8.97
C LEU B 58 5.15 1.60 7.69
N GLY B 59 4.15 0.74 7.56
CA GLY B 59 4.12 -0.21 6.43
C GLY B 59 4.91 -1.51 6.64
N SER B 60 5.44 -1.71 7.86
CA SER B 60 6.21 -2.93 8.18
C SER B 60 5.48 -4.21 7.90
N PRO B 61 6.21 -5.25 7.46
CA PRO B 61 5.56 -6.55 7.52
C PRO B 61 5.24 -6.85 9.01
N VAL B 62 4.30 -7.75 9.25
CA VAL B 62 3.97 -8.18 10.62
C VAL B 62 3.82 -9.68 10.54
N ALA B 63 4.67 -10.42 11.24
CA ALA B 63 4.59 -11.87 11.31
C ALA B 63 4.49 -12.29 12.78
N ALA B 64 3.83 -13.42 13.04
CA ALA B 64 3.72 -13.94 14.43
C ALA B 64 3.69 -15.46 14.44
N THR B 65 4.27 -16.05 15.47
CA THR B 65 4.15 -17.45 15.70
C THR B 65 4.00 -17.71 17.22
N SER B 66 3.52 -18.90 17.62
CA SER B 66 3.28 -19.19 19.04
C SER B 66 3.40 -20.66 19.36
N LYS B 67 3.61 -20.92 20.65
CA LYS B 67 3.43 -22.25 21.24
C LYS B 67 2.17 -22.09 22.09
N GLU B 68 1.06 -22.61 21.55
CA GLU B 68 -0.28 -22.30 22.02
C GLU B 68 -0.34 -20.81 22.38
N LEU B 69 -0.90 -20.42 23.53
CA LEU B 69 -0.75 -19.03 23.90
C LEU B 69 0.19 -18.83 25.07
N LYS B 70 1.07 -19.80 25.29
CA LYS B 70 2.12 -19.64 26.33
C LYS B 70 3.30 -18.78 25.94
N HIS B 71 3.69 -18.85 24.66
CA HIS B 71 4.79 -18.09 24.18
C HIS B 71 4.35 -17.57 22.84
N ILE B 72 4.40 -16.24 22.69
CA ILE B 72 4.06 -15.54 21.43
C ILE B 72 5.23 -14.66 21.05
N ARG B 73 5.54 -14.67 19.76
CA ARG B 73 6.60 -13.85 19.22
C ARG B 73 6.08 -13.13 17.99
N VAL B 74 6.29 -11.81 17.95
CA VAL B 74 5.79 -10.97 16.85
C VAL B 74 6.95 -10.25 16.22
N TYR B 75 7.06 -10.40 14.89
CA TYR B 75 8.21 -9.91 14.11
C TYR B 75 7.83 -8.78 13.15
N THR B 76 8.62 -7.73 13.18
CA THR B 76 8.41 -6.53 12.37
C THR B 76 9.77 -5.91 12.03
N LEU B 77 9.77 -4.83 11.24
CA LEU B 77 11.01 -4.11 10.92
C LEU B 77 11.11 -2.80 11.68
N THR B 78 12.29 -2.50 12.20
CA THR B 78 12.54 -1.15 12.70
C THR B 78 12.71 -0.11 11.56
N GLU B 79 12.78 1.17 11.96
CA GLU B 79 13.06 2.26 11.01
C GLU B 79 14.39 2.02 10.28
N GLY B 80 15.37 1.42 10.97
CA GLY B 80 16.65 1.04 10.41
C GLY B 80 16.70 -0.19 9.52
N ASN B 81 15.52 -0.80 9.30
CA ASN B 81 15.43 -1.99 8.50
C ASN B 81 16.20 -3.18 9.07
N THR B 82 16.16 -3.29 10.39
CA THR B 82 16.56 -4.48 11.09
C THR B 82 15.34 -5.27 11.61
N LEU B 83 15.47 -6.59 11.70
CA LEU B 83 14.46 -7.45 12.27
C LEU B 83 14.37 -7.18 13.74
N GLN B 84 13.15 -7.13 14.23
CA GLN B 84 12.89 -7.02 15.66
C GLN B 84 11.78 -7.96 16.08
N GLU B 85 11.62 -8.11 17.39
CA GLU B 85 10.73 -9.08 17.98
C GLU B 85 10.10 -8.56 19.23
N PHE B 86 8.78 -8.70 19.32
CA PHE B 86 8.05 -8.48 20.55
C PHE B 86 7.64 -9.83 21.11
N ALA B 87 7.95 -10.08 22.38
CA ALA B 87 7.79 -11.41 22.98
C ALA B 87 6.81 -11.39 24.16
N TYR B 88 5.93 -12.39 24.21
CA TYR B 88 5.06 -12.68 25.35
C TYR B 88 5.43 -14.07 25.87
N ASP B 89 5.67 -14.15 27.18
CA ASP B 89 5.67 -15.43 27.90
C ASP B 89 4.68 -15.37 29.07
N SER B 90 3.82 -16.39 29.20
CA SER B 90 2.90 -16.48 30.35
C SER B 90 3.74 -16.26 31.61
N GLY B 91 3.24 -15.44 32.51
CA GLY B 91 3.95 -15.15 33.75
C GLY B 91 4.98 -14.02 33.66
N THR B 92 5.31 -13.56 32.46
CA THR B 92 6.20 -12.41 32.28
C THR B 92 5.50 -11.25 31.59
N GLY B 93 4.55 -11.54 30.73
CA GLY B 93 3.92 -10.52 29.91
C GLY B 93 4.78 -10.23 28.70
N TRP B 94 4.58 -9.03 28.12
CA TRP B 94 5.23 -8.60 26.90
C TRP B 94 6.53 -7.94 27.19
N TYR B 95 7.50 -8.16 26.32
CA TYR B 95 8.78 -7.50 26.41
C TYR B 95 9.45 -7.46 25.05
N ASN B 96 10.49 -6.65 24.96
CA ASN B 96 11.29 -6.55 23.75
C ASN B 96 12.23 -7.74 23.70
N GLY B 97 12.12 -8.52 22.63
CA GLY B 97 12.91 -9.72 22.43
C GLY B 97 14.34 -9.44 22.03
N GLY B 98 15.18 -10.47 22.12
CA GLY B 98 16.61 -10.30 21.84
C GLY B 98 16.96 -10.20 20.37
N LEU B 99 16.01 -10.44 19.46
CA LEU B 99 16.34 -10.47 18.06
C LEU B 99 16.93 -9.12 17.61
N GLY B 100 16.41 -8.02 18.15
CA GLY B 100 16.79 -6.67 17.67
C GLY B 100 18.27 -6.35 17.93
N GLY B 101 18.80 -6.87 19.04
CA GLY B 101 20.20 -6.64 19.37
C GLY B 101 21.21 -7.33 18.47
N ALA B 102 20.77 -8.32 17.67
CA ALA B 102 21.66 -8.93 16.65
C ALA B 102 21.84 -8.06 15.40
N LYS B 103 20.97 -7.08 15.20
CA LYS B 103 21.08 -6.11 14.11
C LYS B 103 21.15 -6.74 12.75
N PHE B 104 20.19 -7.63 12.49
CA PHE B 104 20.07 -8.24 11.16
C PHE B 104 19.44 -7.23 10.18
N GLN B 105 20.26 -6.69 9.29
CA GLN B 105 19.85 -5.71 8.29
C GLN B 105 19.22 -6.46 7.12
N VAL B 106 17.98 -6.12 6.77
CA VAL B 106 17.32 -6.73 5.65
C VAL B 106 16.98 -5.64 4.64
N ALA B 107 16.50 -6.03 3.46
CA ALA B 107 16.02 -5.06 2.49
C ALA B 107 14.92 -4.26 3.10
N PRO B 108 14.80 -2.97 2.71
CA PRO B 108 13.71 -2.17 3.27
C PRO B 108 12.33 -2.71 2.90
N TYR B 109 12.22 -3.38 1.74
CA TYR B 109 10.99 -3.97 1.22
C TYR B 109 10.80 -5.46 1.61
N SER B 110 11.62 -5.98 2.52
CA SER B 110 11.48 -7.36 2.99
C SER B 110 10.19 -7.62 3.74
N CYS B 111 9.63 -8.80 3.45
CA CYS B 111 8.61 -9.39 4.27
C CYS B 111 9.29 -10.27 5.36
N ILE B 112 8.46 -10.88 6.20
CA ILE B 112 8.93 -11.74 7.27
C ILE B 112 7.94 -12.86 7.48
N ALA B 113 8.50 -14.05 7.69
CA ALA B 113 7.75 -15.20 8.16
C ALA B 113 8.44 -15.83 9.36
N ALA B 114 7.65 -16.48 10.19
CA ALA B 114 8.17 -16.99 11.45
C ALA B 114 7.46 -18.28 11.85
N VAL B 115 8.22 -19.28 12.31
CA VAL B 115 7.68 -20.45 12.94
C VAL B 115 8.46 -20.89 14.17
N PHE B 116 7.72 -21.40 15.12
CA PHE B 116 8.30 -22.27 16.15
C PHE B 116 8.40 -23.66 15.55
N LEU B 117 9.49 -24.35 15.77
CA LEU B 117 9.61 -25.69 15.22
C LEU B 117 8.63 -26.67 15.94
N ALA B 118 7.91 -27.46 15.15
CA ALA B 118 6.90 -28.37 15.62
C ALA B 118 7.47 -29.53 16.41
N GLY B 119 6.67 -30.01 17.38
CA GLY B 119 6.86 -31.34 17.94
C GLY B 119 7.93 -31.40 19.00
N THR B 120 8.28 -30.25 19.55
CA THR B 120 9.20 -30.23 20.68
C THR B 120 8.75 -29.20 21.68
N ASP B 121 8.98 -29.49 22.96
CA ASP B 121 8.74 -28.52 24.02
C ASP B 121 9.79 -27.43 24.06
N ALA B 122 10.95 -27.65 23.44
CA ALA B 122 11.98 -26.60 23.36
C ALA B 122 11.49 -25.42 22.49
N LEU B 123 11.86 -24.20 22.86
CA LEU B 123 11.50 -23.03 22.06
C LEU B 123 12.56 -22.86 20.97
N GLN B 124 12.25 -23.34 19.79
CA GLN B 124 13.11 -23.21 18.66
C GLN B 124 12.40 -22.44 17.59
N LEU B 125 13.04 -21.38 17.13
CA LEU B 125 12.44 -20.46 16.16
C LEU B 125 13.20 -20.42 14.88
N ARG B 126 12.46 -20.36 13.77
CA ARG B 126 13.04 -20.02 12.50
C ARG B 126 12.25 -18.82 11.92
N ILE B 127 12.99 -17.78 11.52
CA ILE B 127 12.51 -16.47 10.97
C ILE B 127 13.09 -16.41 9.56
N TYR B 128 12.28 -15.98 8.58
CA TYR B 128 12.69 -15.86 7.21
C TYR B 128 12.43 -14.42 6.79
N ALA B 129 13.41 -13.82 6.13
CA ALA B 129 13.26 -12.47 5.57
C ALA B 129 14.14 -12.36 4.31
N GLN B 130 14.13 -11.20 3.65
CA GLN B 130 14.90 -10.99 2.44
C GLN B 130 16.01 -9.97 2.64
N LYS B 131 17.23 -10.37 2.28
CA LYS B 131 18.40 -9.50 2.39
C LYS B 131 18.48 -8.52 1.21
N PRO B 132 19.39 -7.55 1.28
CA PRO B 132 19.53 -6.57 0.18
C PRO B 132 19.88 -7.17 -1.17
N ASP B 133 20.51 -8.34 -1.17
CA ASP B 133 20.82 -9.02 -2.39
C ASP B 133 19.61 -9.80 -2.94
N ASN B 134 18.45 -9.71 -2.26
CA ASN B 134 17.16 -10.35 -2.67
C ASN B 134 17.04 -11.86 -2.39
N THR B 135 18.06 -12.43 -1.74
CA THR B 135 17.98 -13.80 -1.27
C THR B 135 17.13 -13.92 0.02
N ILE B 136 16.52 -15.09 0.20
CA ILE B 136 15.70 -15.36 1.37
C ILE B 136 16.65 -15.95 2.42
N GLN B 137 16.79 -15.29 3.56
CA GLN B 137 17.65 -15.77 4.61
C GLN B 137 16.86 -16.28 5.80
N GLU B 138 17.29 -17.44 6.31
CA GLU B 138 16.75 -17.99 7.56
C GLU B 138 17.55 -17.46 8.72
N TYR B 139 16.90 -17.16 9.84
CA TYR B 139 17.57 -16.74 11.11
C TYR B 139 17.03 -17.69 12.17
N MET B 140 17.88 -18.17 13.07
CA MET B 140 17.46 -19.21 14.01
C MET B 140 17.75 -18.86 15.43
N TRP B 141 16.86 -19.33 16.29
CA TRP B 141 17.04 -19.32 17.73
C TRP B 141 16.89 -20.74 18.17
N ASN B 142 17.94 -21.26 18.81
CA ASN B 142 17.92 -22.61 19.38
C ASN B 142 18.36 -22.60 20.86
N GLY B 143 18.09 -21.50 21.54
CA GLY B 143 18.22 -21.45 22.97
C GLY B 143 19.52 -20.80 23.37
N ASP B 144 20.42 -20.56 22.44
CA ASP B 144 21.69 -19.92 22.77
C ASP B 144 22.05 -18.79 21.81
N GLY B 145 21.09 -17.91 21.54
CA GLY B 145 21.29 -16.74 20.70
C GLY B 145 20.78 -16.86 19.26
N TRP B 146 20.75 -15.73 18.57
CA TRP B 146 20.20 -15.63 17.23
C TRP B 146 21.31 -15.72 16.27
N LYS B 147 21.14 -16.56 15.27
CA LYS B 147 22.16 -16.76 14.26
C LYS B 147 21.56 -16.82 12.89
N GLU B 148 22.34 -16.51 11.87
CA GLU B 148 21.95 -16.85 10.51
C GLU B 148 21.90 -18.36 10.31
N GLY B 149 20.79 -18.86 9.78
CA GLY B 149 20.70 -20.25 9.36
C GLY B 149 20.96 -20.37 7.86
N THR B 150 20.20 -21.19 7.17
CA THR B 150 20.43 -21.50 5.79
C THR B 150 19.91 -20.38 4.86
N ASN B 151 20.72 -19.99 3.89
CA ASN B 151 20.27 -19.08 2.84
C ASN B 151 19.55 -19.89 1.78
N LEU B 152 18.35 -19.44 1.42
CA LEU B 152 17.46 -20.18 0.53
C LEU B 152 17.36 -19.59 -0.88
N GLY B 153 18.26 -18.67 -1.22
CA GLY B 153 18.42 -18.29 -2.63
C GLY B 153 17.55 -17.10 -3.03
N GLY B 154 17.66 -16.73 -4.30
CA GLY B 154 17.01 -15.55 -4.84
C GLY B 154 15.49 -15.58 -4.86
N ALA B 155 14.86 -14.42 -4.62
CA ALA B 155 13.40 -14.25 -4.79
C ALA B 155 13.12 -12.88 -5.32
N LEU B 156 11.87 -12.69 -5.78
CA LEU B 156 11.40 -11.41 -6.27
C LEU B 156 11.62 -10.38 -5.18
N PRO B 157 12.16 -9.21 -5.53
CA PRO B 157 12.35 -8.24 -4.44
C PRO B 157 11.03 -7.80 -3.86
N GLY B 158 10.87 -7.96 -2.55
CA GLY B 158 9.59 -7.59 -1.89
C GLY B 158 8.59 -8.77 -1.82
N THR B 159 9.00 -9.98 -2.18
CA THR B 159 8.10 -11.15 -2.16
C THR B 159 7.45 -11.31 -0.80
N GLY B 160 6.22 -11.83 -0.82
CA GLY B 160 5.56 -12.28 0.39
C GLY B 160 6.28 -13.56 0.81
N ILE B 161 6.27 -13.89 2.11
CA ILE B 161 6.83 -15.17 2.58
C ILE B 161 5.83 -15.84 3.49
N GLY B 162 5.44 -17.07 3.12
CA GLY B 162 4.62 -17.93 3.99
C GLY B 162 5.50 -19.03 4.59
N ALA B 163 5.16 -19.53 5.78
CA ALA B 163 5.94 -20.62 6.35
C ALA B 163 5.11 -21.45 7.31
N THR B 164 5.48 -22.70 7.47
CA THR B 164 4.86 -23.55 8.48
C THR B 164 5.82 -24.65 8.90
N SER B 165 5.67 -25.11 10.13
CA SER B 165 6.44 -26.30 10.54
C SER B 165 5.45 -27.34 11.06
N PHE B 166 5.76 -28.61 10.82
CA PHE B 166 5.01 -29.73 11.32
C PHE B 166 6.00 -30.87 11.60
N ARG B 167 5.53 -31.86 12.34
CA ARG B 167 6.34 -33.03 12.66
C ARG B 167 5.57 -34.30 12.37
N TYR B 168 6.06 -35.05 11.41
CA TYR B 168 5.47 -36.31 11.07
C TYR B 168 5.61 -37.25 12.25
N THR B 169 4.57 -38.06 12.47
CA THR B 169 4.50 -38.88 13.69
C THR B 169 5.53 -40.02 13.66
N ASP B 170 6.01 -40.33 12.46
CA ASP B 170 7.05 -41.31 12.25
C ASP B 170 8.46 -40.72 12.12
N TYR B 171 8.63 -39.39 12.26
CA TYR B 171 9.95 -38.74 12.17
C TYR B 171 10.41 -38.38 13.57
N ASN B 172 11.68 -38.15 13.74
CA ASN B 172 12.15 -37.78 15.03
C ASN B 172 12.67 -36.36 15.08
N GLY B 173 12.13 -35.54 14.18
CA GLY B 173 12.58 -34.16 14.04
C GLY B 173 11.58 -33.40 13.21
N PRO B 174 11.66 -32.06 13.26
CA PRO B 174 10.68 -31.20 12.61
C PRO B 174 10.92 -31.01 11.10
N SER B 175 9.84 -30.72 10.38
CA SER B 175 9.87 -30.34 8.97
C SER B 175 9.49 -28.87 8.86
N ILE B 176 9.97 -28.20 7.81
CA ILE B 176 9.62 -26.80 7.50
C ILE B 176 9.20 -26.76 6.03
N ARG B 177 8.17 -25.96 5.72
CA ARG B 177 7.83 -25.65 4.34
C ARG B 177 7.71 -24.11 4.30
N ILE B 178 8.32 -23.49 3.29
CA ILE B 178 8.16 -22.04 3.07
C ILE B 178 7.71 -21.79 1.65
N TRP B 179 7.03 -20.67 1.45
CA TRP B 179 6.63 -20.31 0.13
C TRP B 179 6.94 -18.86 -0.14
N PHE B 180 7.32 -18.58 -1.40
CA PHE B 180 7.59 -17.22 -1.84
C PHE B 180 7.47 -17.06 -3.34
N GLN B 181 7.73 -15.84 -3.84
CA GLN B 181 7.63 -15.55 -5.25
C GLN B 181 9.00 -15.36 -5.86
N THR B 182 9.18 -15.94 -7.05
CA THR B 182 10.44 -15.77 -7.79
C THR B 182 10.30 -14.63 -8.82
N ASP B 183 11.42 -14.26 -9.44
CA ASP B 183 11.49 -13.14 -10.35
C ASP B 183 10.53 -13.27 -11.52
N ASP B 184 10.25 -14.50 -11.95
CA ASP B 184 9.29 -14.75 -13.04
C ASP B 184 7.81 -14.65 -12.63
N LEU B 185 7.55 -14.23 -11.39
CA LEU B 185 6.21 -14.04 -10.80
C LEU B 185 5.47 -15.30 -10.36
N LYS B 186 6.12 -16.45 -10.52
CA LYS B 186 5.48 -17.69 -10.08
C LYS B 186 5.65 -17.80 -8.58
N LEU B 187 4.84 -18.65 -7.98
CA LEU B 187 4.90 -18.90 -6.55
C LEU B 187 5.49 -20.30 -6.37
N VAL B 188 6.41 -20.42 -5.43
CA VAL B 188 7.16 -21.65 -5.22
C VAL B 188 7.19 -22.05 -3.75
N GLN B 189 7.49 -23.34 -3.52
CA GLN B 189 7.70 -23.95 -2.23
C GLN B 189 9.17 -24.32 -2.14
N ARG B 190 9.78 -24.06 -1.00
CA ARG B 190 11.00 -24.78 -0.58
C ARG B 190 10.73 -25.60 0.70
N ALA B 191 11.45 -26.70 0.85
CA ALA B 191 11.13 -27.70 1.86
C ALA B 191 12.36 -28.16 2.60
N TYR B 192 12.24 -28.24 3.93
CA TYR B 192 13.24 -28.84 4.82
C TYR B 192 12.69 -30.08 5.52
N ASP B 193 13.42 -31.19 5.42
CA ASP B 193 13.13 -32.41 6.18
C ASP B 193 14.43 -32.85 6.84
N PRO B 194 14.33 -33.52 8.00
CA PRO B 194 15.55 -33.78 8.77
C PRO B 194 16.55 -34.71 8.09
N HIS B 195 16.12 -35.49 7.11
CA HIS B 195 17.06 -36.36 6.36
C HIS B 195 17.60 -35.79 5.08
N LYS B 196 16.80 -35.01 4.37
CA LYS B 196 17.22 -34.43 3.11
C LYS B 196 17.72 -33.01 3.31
N GLY B 197 17.59 -32.47 4.53
CA GLY B 197 17.84 -31.06 4.74
C GLY B 197 16.92 -30.21 3.86
N TRP B 198 17.43 -29.08 3.36
CA TRP B 198 16.69 -28.30 2.36
C TRP B 198 16.78 -28.98 1.07
N TYR B 199 15.64 -29.44 0.55
CA TYR B 199 15.56 -30.00 -0.77
C TYR B 199 16.13 -28.99 -1.78
N PRO B 200 16.86 -29.49 -2.80
CA PRO B 200 17.34 -28.54 -3.83
C PRO B 200 16.26 -27.92 -4.70
N ASP B 201 15.17 -28.63 -4.98
CA ASP B 201 14.19 -28.15 -5.94
C ASP B 201 13.22 -27.13 -5.34
N LEU B 202 12.91 -26.14 -6.17
CA LEU B 202 11.83 -25.21 -5.93
C LEU B 202 10.61 -25.82 -6.59
N VAL B 203 9.53 -25.99 -5.84
CA VAL B 203 8.29 -26.60 -6.40
C VAL B 203 7.28 -25.49 -6.74
N THR B 204 6.89 -25.35 -8.01
CA THR B 204 5.92 -24.30 -8.36
C THR B 204 4.57 -24.67 -7.82
N ILE B 205 3.92 -23.74 -7.12
CA ILE B 205 2.51 -23.93 -6.64
C ILE B 205 1.50 -23.02 -7.39
N PHE B 206 1.95 -21.96 -8.07
CA PHE B 206 1.05 -21.14 -8.89
C PHE B 206 1.85 -20.50 -10.01
N ASP B 207 1.32 -20.52 -11.22
CA ASP B 207 2.14 -20.13 -12.40
C ASP B 207 2.51 -18.66 -12.51
N ARG B 208 1.59 -17.78 -12.13
CA ARG B 208 1.84 -16.32 -12.22
C ARG B 208 0.99 -15.62 -11.17
N ALA B 209 1.63 -14.87 -10.28
CA ALA B 209 0.88 -14.09 -9.27
C ALA B 209 1.19 -12.59 -9.39
N PRO B 210 0.36 -11.74 -8.75
CA PRO B 210 0.70 -10.31 -8.72
C PRO B 210 2.05 -10.05 -8.05
N PRO B 211 2.77 -9.02 -8.51
CA PRO B 211 4.09 -8.83 -7.95
C PRO B 211 3.98 -8.39 -6.48
N ARG B 212 4.73 -9.05 -5.62
CA ARG B 212 4.73 -8.78 -4.16
C ARG B 212 3.37 -9.15 -3.48
N THR B 213 2.58 -10.02 -4.10
CA THR B 213 1.35 -10.49 -3.51
C THR B 213 1.58 -11.10 -2.12
N ALA B 214 0.61 -10.87 -1.24
CA ALA B 214 0.69 -11.45 0.11
C ALA B 214 0.74 -12.99 0.00
N ILE B 215 1.53 -13.63 0.86
CA ILE B 215 1.59 -15.12 0.90
C ILE B 215 1.46 -15.59 2.35
N ALA B 216 0.47 -16.44 2.64
CA ALA B 216 0.33 -16.96 4.00
C ALA B 216 0.00 -18.44 4.00
N ALA B 217 0.61 -19.17 4.91
CA ALA B 217 0.51 -20.63 4.91
C ALA B 217 0.25 -21.29 6.28
N THR B 218 -0.40 -22.45 6.23
CA THR B 218 -0.58 -23.27 7.44
C THR B 218 -0.52 -24.73 7.09
N SER B 219 -0.37 -25.55 8.14
CA SER B 219 -0.40 -27.00 7.98
C SER B 219 -1.08 -27.59 9.16
N PHE B 220 -1.65 -28.78 8.95
CA PHE B 220 -2.34 -29.50 10.01
C PHE B 220 -2.43 -31.02 9.77
N GLY B 221 -2.81 -31.74 10.82
CA GLY B 221 -3.08 -33.16 10.69
C GLY B 221 -1.89 -34.05 10.35
N ALA B 222 -0.70 -33.71 10.87
CA ALA B 222 0.49 -34.50 10.63
C ALA B 222 0.28 -35.99 11.04
N GLY B 223 0.63 -36.90 10.13
CA GLY B 223 0.53 -38.34 10.37
C GLY B 223 1.85 -39.02 10.09
N ASN B 224 1.80 -40.27 9.65
CA ASN B 224 3.01 -41.00 9.28
C ASN B 224 3.38 -40.62 7.86
N SER B 225 4.44 -39.81 7.73
CA SER B 225 4.86 -39.35 6.43
C SER B 225 3.70 -38.69 5.65
N SER B 226 2.71 -38.16 6.37
CA SER B 226 1.58 -37.45 5.80
C SER B 226 1.34 -36.10 6.49
N ILE B 227 0.87 -35.15 5.69
CA ILE B 227 0.56 -33.78 6.13
C ILE B 227 -0.50 -33.18 5.23
N TYR B 228 -1.17 -32.14 5.76
CA TYR B 228 -2.14 -31.34 4.96
C TYR B 228 -1.67 -29.88 5.09
N MET B 229 -1.67 -29.17 3.95
CA MET B 229 -1.20 -27.79 3.90
C MET B 229 -2.12 -26.93 3.08
N ARG B 230 -2.21 -25.66 3.46
CA ARG B 230 -2.99 -24.65 2.77
C ARG B 230 -2.15 -23.39 2.61
N ILE B 231 -2.06 -22.92 1.38
CA ILE B 231 -1.35 -21.66 1.09
C ILE B 231 -2.33 -20.66 0.47
N TYR B 232 -2.24 -19.42 0.95
CA TYR B 232 -3.15 -18.34 0.53
C TYR B 232 -2.37 -17.19 -0.06
N PHE B 233 -2.91 -16.62 -1.12
CA PHE B 233 -2.29 -15.45 -1.74
C PHE B 233 -3.32 -14.56 -2.37
N VAL B 234 -2.96 -13.31 -2.63
CA VAL B 234 -3.88 -12.38 -3.32
C VAL B 234 -3.69 -12.45 -4.84
N ASN B 235 -4.73 -12.88 -5.54
CA ASN B 235 -4.61 -13.01 -6.95
C ASN B 235 -4.99 -11.74 -7.71
N SER B 236 -4.72 -11.73 -9.02
CA SER B 236 -4.97 -10.57 -9.86
C SER B 236 -6.46 -10.19 -9.96
N ASP B 237 -7.37 -11.09 -9.52
CA ASP B 237 -8.82 -10.80 -9.47
C ASP B 237 -9.23 -10.16 -8.17
N ASN B 238 -8.25 -9.73 -7.37
CA ASN B 238 -8.54 -9.06 -6.10
C ASN B 238 -9.33 -9.95 -5.13
N THR B 239 -8.96 -11.24 -5.10
CA THR B 239 -9.45 -12.17 -4.09
C THR B 239 -8.34 -13.02 -3.53
N ILE B 240 -8.53 -13.53 -2.32
CA ILE B 240 -7.67 -14.58 -1.80
C ILE B 240 -7.96 -15.88 -2.53
N TRP B 241 -6.90 -16.53 -3.01
CA TRP B 241 -6.95 -17.88 -3.57
C TRP B 241 -6.28 -18.79 -2.60
N GLN B 242 -6.77 -20.01 -2.54
CA GLN B 242 -6.25 -21.10 -1.71
C GLN B 242 -5.58 -22.17 -2.57
N VAL B 243 -4.41 -22.64 -2.17
CA VAL B 243 -3.74 -23.78 -2.80
C VAL B 243 -3.70 -24.92 -1.78
N TRP B 245 -2.54 -28.73 -0.52
CA TRP B 245 -1.78 -29.99 -0.45
C TRP B 245 -2.58 -30.92 0.46
N ASP B 246 -3.06 -32.05 -0.09
CA ASP B 246 -3.64 -33.11 0.76
C ASP B 246 -2.92 -34.41 0.57
N HIS B 247 -2.67 -35.08 1.70
CA HIS B 247 -1.97 -36.37 1.66
C HIS B 247 -2.65 -37.33 0.71
N GLY B 248 -1.84 -37.94 -0.17
CA GLY B 248 -2.34 -38.90 -1.17
C GLY B 248 -2.63 -38.25 -2.51
N LYS B 249 -2.87 -36.94 -2.52
CA LYS B 249 -3.17 -36.25 -3.77
C LYS B 249 -2.12 -35.20 -4.12
N GLY B 250 -1.29 -34.81 -3.16
CA GLY B 250 -0.25 -33.79 -3.43
C GLY B 250 -0.87 -32.40 -3.61
N TYR B 251 -0.29 -31.59 -4.49
CA TYR B 251 -0.82 -30.25 -4.81
C TYR B 251 -1.80 -30.43 -5.96
N HIS B 252 -3.07 -30.58 -5.62
CA HIS B 252 -4.08 -31.08 -6.59
C HIS B 252 -5.20 -30.14 -6.85
N ASP B 253 -5.32 -29.06 -6.07
CA ASP B 253 -6.37 -28.06 -6.29
C ASP B 253 -5.97 -26.67 -5.85
N LYS B 254 -6.79 -25.71 -6.27
CA LYS B 254 -6.65 -24.29 -5.97
C LYS B 254 -7.88 -23.54 -6.46
N GLY B 255 -8.18 -22.43 -5.84
CA GLY B 255 -9.38 -21.71 -6.13
C GLY B 255 -9.59 -20.51 -5.23
N THR B 256 -10.50 -19.65 -5.66
CA THR B 256 -10.82 -18.44 -4.94
C THR B 256 -11.53 -18.71 -3.63
N ILE B 257 -11.24 -17.91 -2.63
CA ILE B 257 -11.88 -18.01 -1.32
C ILE B 257 -12.79 -16.81 -1.02
N THR B 258 -12.25 -15.59 -1.07
CA THR B 258 -13.03 -14.40 -0.71
C THR B 258 -12.45 -13.12 -1.25
N PRO B 259 -13.30 -12.13 -1.57
CA PRO B 259 -12.74 -10.91 -2.09
C PRO B 259 -11.93 -10.14 -1.09
N VAL B 260 -10.93 -9.41 -1.58
CA VAL B 260 -10.15 -8.49 -0.71
C VAL B 260 -9.94 -7.10 -1.37
N ILE B 261 -9.49 -6.13 -0.60
CA ILE B 261 -9.04 -4.86 -1.17
C ILE B 261 -7.78 -5.13 -2.00
N GLN B 262 -7.58 -4.31 -3.00
CA GLN B 262 -6.35 -4.32 -3.77
C GLN B 262 -5.17 -4.24 -2.83
N GLY B 263 -4.25 -5.18 -2.95
CA GLY B 263 -3.05 -5.20 -2.08
C GLY B 263 -3.26 -5.53 -0.63
N SER B 264 -4.40 -6.16 -0.26
CA SER B 264 -4.57 -6.67 1.10
C SER B 264 -3.45 -7.60 1.53
N GLU B 265 -3.03 -7.45 2.78
CA GLU B 265 -2.26 -8.52 3.41
C GLU B 265 -3.19 -9.67 3.90
N VAL B 266 -2.61 -10.82 4.29
CA VAL B 266 -3.31 -12.03 4.67
C VAL B 266 -2.64 -12.75 5.83
N ALA B 267 -3.43 -13.25 6.78
CA ALA B 267 -2.92 -14.15 7.82
C ALA B 267 -3.82 -15.32 7.87
N ILE B 268 -3.24 -16.49 8.17
CA ILE B 268 -3.98 -17.76 8.35
C ILE B 268 -3.55 -18.42 9.69
N ILE B 269 -4.53 -18.99 10.38
CA ILE B 269 -4.30 -19.90 11.50
C ILE B 269 -5.16 -21.15 11.32
N SER B 270 -4.71 -22.24 11.93
CA SER B 270 -5.48 -23.48 11.87
C SER B 270 -5.27 -24.30 13.15
N TRP B 271 -6.17 -25.25 13.35
CA TRP B 271 -6.06 -26.30 14.40
C TRP B 271 -6.91 -27.47 14.09
N GLY B 272 -6.62 -28.61 14.71
CA GLY B 272 -7.47 -29.80 14.46
C GLY B 272 -7.07 -30.54 13.20
N SER B 273 -7.92 -31.46 12.74
CA SER B 273 -7.57 -32.34 11.64
C SER B 273 -8.82 -32.99 11.13
N PHE B 274 -8.77 -33.45 9.88
CA PHE B 274 -9.88 -34.21 9.29
C PHE B 274 -10.29 -35.46 10.12
N ALA B 275 -9.30 -36.15 10.66
CA ALA B 275 -9.56 -37.35 11.49
C ALA B 275 -10.26 -37.02 12.82
N ASN B 276 -10.18 -35.77 13.27
CA ASN B 276 -10.71 -35.38 14.59
C ASN B 276 -11.80 -34.28 14.50
N ASN B 277 -12.70 -34.46 13.57
CA ASN B 277 -13.76 -33.48 13.26
C ASN B 277 -13.25 -32.04 13.09
N GLY B 278 -12.12 -31.91 12.41
CA GLY B 278 -11.66 -30.61 11.95
C GLY B 278 -11.27 -30.70 10.49
N PRO B 279 -10.34 -29.87 10.05
CA PRO B 279 -9.71 -28.85 10.83
C PRO B 279 -10.62 -27.65 11.01
N ASP B 280 -10.10 -26.64 11.72
CA ASP B 280 -10.59 -25.30 11.69
C ASP B 280 -9.56 -24.37 11.06
N LEU B 281 -10.02 -23.48 10.18
CA LEU B 281 -9.18 -22.45 9.58
C LEU B 281 -9.75 -21.09 9.88
N ARG B 282 -8.88 -20.10 10.09
CA ARG B 282 -9.32 -18.70 10.16
C ARG B 282 -8.38 -17.83 9.34
N LEU B 283 -8.95 -17.08 8.39
CA LEU B 283 -8.18 -16.15 7.55
C LEU B 283 -8.48 -14.72 7.91
N TYR B 284 -7.46 -13.85 7.95
CA TYR B 284 -7.63 -12.43 8.21
C TYR B 284 -7.09 -11.59 7.09
N PHE B 285 -7.76 -10.47 6.79
CA PHE B 285 -7.45 -9.70 5.59
C PHE B 285 -8.29 -8.42 5.67
N GLN B 286 -8.08 -7.54 4.71
CA GLN B 286 -8.91 -6.35 4.56
C GLN B 286 -9.76 -6.51 3.30
N ASN B 287 -11.07 -6.35 3.44
CA ASN B 287 -11.98 -6.48 2.28
C ASN B 287 -12.83 -5.21 2.04
N GLY B 288 -12.50 -4.14 2.75
CA GLY B 288 -13.22 -2.85 2.63
C GLY B 288 -14.35 -2.63 3.62
N THR B 289 -14.53 -3.57 4.56
CA THR B 289 -15.47 -3.39 5.66
C THR B 289 -15.09 -2.21 6.49
N TYR B 290 -16.00 -1.25 6.53
CA TYR B 290 -15.76 0.03 7.20
C TYR B 290 -14.49 0.68 6.63
N ILE B 291 -14.26 0.43 5.36
CA ILE B 291 -13.11 0.92 4.58
C ILE B 291 -11.84 0.18 4.93
N SER B 292 -11.41 0.31 6.19
CA SER B 292 -10.09 -0.14 6.63
C SER B 292 -10.08 -1.18 7.77
N ALA B 293 -11.24 -1.74 8.12
CA ALA B 293 -11.28 -2.76 9.17
C ALA B 293 -10.66 -4.04 8.63
N VAL B 294 -10.18 -4.83 9.58
CA VAL B 294 -9.79 -6.23 9.33
C VAL B 294 -11.00 -7.12 9.46
N SER B 295 -11.21 -7.98 8.45
CA SER B 295 -12.27 -9.00 8.44
C SER B 295 -11.76 -10.44 8.58
N GLU B 296 -12.67 -11.35 8.92
CA GLU B 296 -12.35 -12.78 9.03
C GLU B 296 -13.13 -13.70 8.11
N TRP B 297 -12.46 -14.72 7.57
CA TRP B 297 -13.13 -15.88 6.94
C TRP B 297 -12.88 -17.13 7.77
N VAL B 298 -13.92 -17.94 7.89
CA VAL B 298 -13.96 -19.17 8.71
C VAL B 298 -14.19 -20.40 7.84
N TRP B 299 -13.44 -21.48 8.14
CA TRP B 299 -13.74 -22.81 7.74
C TRP B 299 -13.76 -23.74 8.94
N ASN B 300 -14.79 -24.56 9.02
CA ASN B 300 -14.83 -25.62 10.05
C ASN B 300 -15.69 -26.79 9.58
N ARG B 301 -15.74 -27.86 10.34
CA ARG B 301 -16.56 -28.98 9.90
C ARG B 301 -18.06 -28.72 10.04
N ALA B 302 -18.46 -28.01 11.07
CA ALA B 302 -19.90 -27.82 11.32
C ALA B 302 -20.58 -27.13 10.13
N HIS B 303 -19.97 -26.04 9.68
CA HIS B 303 -20.62 -25.11 8.79
C HIS B 303 -19.90 -24.82 7.49
N GLY B 304 -18.69 -25.32 7.33
CA GLY B 304 -17.99 -25.20 6.06
C GLY B 304 -17.44 -23.79 5.88
N SER B 305 -17.34 -23.34 4.64
CA SER B 305 -16.81 -22.02 4.33
C SER B 305 -17.85 -20.94 4.66
N GLN B 306 -17.49 -20.00 5.54
CA GLN B 306 -18.34 -18.87 5.92
C GLN B 306 -17.56 -17.58 6.19
N LEU B 307 -18.07 -16.47 5.69
CA LEU B 307 -17.58 -15.19 6.19
C LEU B 307 -17.77 -15.13 7.70
N GLY B 308 -16.73 -14.66 8.42
CA GLY B 308 -16.69 -14.65 9.88
C GLY B 308 -16.93 -13.27 10.43
N ARG B 309 -16.21 -12.89 11.50
CA ARG B 309 -16.32 -11.55 12.10
C ARG B 309 -16.15 -10.43 11.05
N SER B 310 -17.19 -9.64 10.84
CA SER B 310 -17.18 -8.67 9.72
C SER B 310 -16.07 -7.64 9.86
N ALA B 311 -15.83 -7.20 11.07
CA ALA B 311 -14.84 -6.21 11.36
C ALA B 311 -14.29 -6.49 12.73
N LEU B 312 -13.00 -6.78 12.80
CA LEU B 312 -12.33 -7.00 14.09
C LEU B 312 -12.17 -5.73 14.91
N PRO B 313 -12.06 -5.89 16.25
CA PRO B 313 -11.72 -4.77 17.12
C PRO B 313 -10.43 -4.11 16.61
N PRO B 314 -10.35 -2.76 16.65
CA PRO B 314 -11.19 -1.77 17.31
C PRO B 314 -12.42 -1.28 16.55
N ALA B 315 -12.71 -1.86 15.38
CA ALA B 315 -13.70 -1.33 14.46
C ALA B 315 -15.03 -1.30 15.13
#